data_8V17
#
_entry.id   8V17
#
_cell.length_a   90.902
_cell.length_b   90.902
_cell.length_c   56.468
_cell.angle_alpha   90.000
_cell.angle_beta   90.000
_cell.angle_gamma   120.000
#
_symmetry.space_group_name_H-M   'P 6'
#
loop_
_entity.id
_entity.type
_entity.pdbx_description
1 polymer 'Spacer peptide 1'
2 non-polymer N-(1,3-benzothiazol-5-yl)-3,5-difluoro-Nalpha-[(5-hydroxy-1H-indol-3-yl)acetyl]-N-methyl-L-phenylalaninamide
3 non-polymer GLYCEROL
4 water water
#
_entity_poly.entity_id   1
_entity_poly.type   'polypeptide(L)'
_entity_poly.pdbx_seq_one_letter_code
;PIVQNLQGQMVHQCISPRTLNAWVKVVEEKAFSPEVIPMFSALSCGATPQDLNTMLNTVGGHQAAMQMLKETINEEAAEW
DRLHPVHAGPIAPGQMREPRGSDIAGTTSTLQEQIGWMTHNPPIPVGEIYKRWIILGLNKIVRMYSPTSILDIRQGPKEP
FRDYVDRFYKTLRAEQASQEVKNAATETLLVQNANPDCKTILKALGPGATLEEMMTACQGVGGPGHKAR
;
_entity_poly.pdbx_strand_id   A
#
# COMPACT_ATOMS: atom_id res chain seq x y z
N PRO A 1 8.53 -2.50 -17.47
CA PRO A 1 9.30 -2.99 -16.34
C PRO A 1 10.66 -3.47 -16.83
N ILE A 2 11.53 -3.72 -15.86
CA ILE A 2 12.81 -4.36 -16.13
C ILE A 2 12.69 -5.81 -15.69
N VAL A 3 13.01 -6.69 -16.60
CA VAL A 3 12.83 -8.11 -16.40
C VAL A 3 14.11 -8.80 -16.77
N GLN A 4 14.24 -10.02 -16.26
CA GLN A 4 15.22 -10.89 -16.86
C GLN A 4 14.55 -11.70 -17.95
N ASN A 5 15.33 -11.79 -18.99
CA ASN A 5 15.03 -12.46 -20.23
C ASN A 5 15.27 -13.96 -19.98
N LEU A 6 15.37 -14.71 -21.07
CA LEU A 6 15.52 -16.15 -20.98
C LEU A 6 16.99 -16.56 -20.79
N GLN A 7 17.94 -15.63 -20.97
CA GLN A 7 19.38 -15.91 -20.89
C GLN A 7 20.01 -15.21 -19.69
N GLY A 8 19.20 -14.71 -18.76
CA GLY A 8 19.72 -14.04 -17.58
C GLY A 8 20.32 -12.66 -17.92
N GLN A 9 19.50 -11.72 -18.38
CA GLN A 9 19.97 -10.33 -18.42
C GLN A 9 18.82 -9.36 -18.20
N MET A 10 19.12 -8.20 -17.60
CA MET A 10 18.07 -7.28 -17.19
C MET A 10 17.83 -6.25 -18.28
N VAL A 11 16.61 -6.28 -18.85
CA VAL A 11 16.29 -5.40 -19.94
C VAL A 11 14.87 -4.87 -19.74
N HIS A 12 14.56 -3.84 -20.52
CA HIS A 12 13.28 -3.18 -20.44
C HIS A 12 12.28 -3.89 -21.33
N GLN A 13 11.06 -4.03 -20.79
CA GLN A 13 9.95 -4.57 -21.53
C GLN A 13 8.78 -3.61 -21.36
N CYS A 14 7.93 -3.49 -22.39
CA CYS A 14 6.75 -2.65 -22.30
C CYS A 14 5.82 -3.21 -21.23
N ILE A 15 5.08 -2.32 -20.54
CA ILE A 15 3.99 -2.76 -19.70
C ILE A 15 2.92 -3.43 -20.56
N SER A 16 2.42 -4.58 -20.12
CA SER A 16 1.48 -5.34 -20.91
C SER A 16 0.07 -4.78 -20.79
N PRO A 17 -0.75 -4.97 -21.85
CA PRO A 17 -2.16 -4.66 -21.74
C PRO A 17 -2.85 -5.37 -20.58
N ARG A 18 -2.44 -6.59 -20.27
CA ARG A 18 -3.06 -7.34 -19.18
C ARG A 18 -2.81 -6.64 -17.85
N THR A 19 -1.56 -6.19 -17.67
CA THR A 19 -1.22 -5.51 -16.43
C THR A 19 -2.02 -4.21 -16.29
N LEU A 20 -2.05 -3.45 -17.39
CA LEU A 20 -2.76 -2.17 -17.42
C LEU A 20 -4.22 -2.40 -17.04
N ASN A 21 -4.83 -3.38 -17.69
CA ASN A 21 -6.26 -3.62 -17.50
C ASN A 21 -6.53 -4.09 -16.07
N ALA A 22 -5.64 -4.93 -15.52
CA ALA A 22 -5.84 -5.46 -14.19
C ALA A 22 -5.86 -4.33 -13.16
N TRP A 23 -4.95 -3.38 -13.33
CA TRP A 23 -4.87 -2.27 -12.39
C TRP A 23 -6.10 -1.37 -12.47
N VAL A 24 -6.50 -1.01 -13.68
CA VAL A 24 -7.65 -0.14 -13.84
C VAL A 24 -8.88 -0.78 -13.19
N LYS A 25 -9.04 -2.08 -13.45
CA LYS A 25 -10.18 -2.83 -12.94
C LYS A 25 -10.14 -2.94 -11.44
N VAL A 26 -8.96 -3.12 -10.86
CA VAL A 26 -8.97 -3.23 -9.40
C VAL A 26 -9.34 -1.88 -8.78
N VAL A 27 -8.88 -0.75 -9.34
CA VAL A 27 -9.30 0.52 -8.79
C VAL A 27 -10.80 0.75 -8.98
N GLU A 28 -11.34 0.33 -10.14
CA GLU A 28 -12.75 0.52 -10.46
C GLU A 28 -13.63 -0.24 -9.47
N GLU A 29 -13.20 -1.45 -9.15
CA GLU A 29 -14.00 -2.36 -8.35
C GLU A 29 -13.83 -2.13 -6.85
N LYS A 30 -12.61 -1.77 -6.41
CA LYS A 30 -12.26 -1.84 -4.99
C LYS A 30 -11.96 -0.47 -4.41
N ALA A 31 -11.84 0.57 -5.23
CA ALA A 31 -11.54 1.91 -4.76
C ALA A 31 -10.28 1.83 -3.93
N PHE A 32 -10.33 2.31 -2.67
CA PHE A 32 -9.17 2.24 -1.80
C PHE A 32 -9.38 1.38 -0.56
N SER A 33 -10.02 0.23 -0.80
CA SER A 33 -10.00 -0.89 0.11
CA SER A 33 -10.00 -0.86 0.15
C SER A 33 -8.54 -1.30 0.33
N PRO A 34 -8.16 -1.76 1.53
CA PRO A 34 -6.74 -2.05 1.79
C PRO A 34 -6.09 -3.03 0.83
N GLU A 35 -6.84 -4.01 0.33
CA GLU A 35 -6.33 -5.03 -0.56
C GLU A 35 -5.90 -4.46 -1.91
N VAL A 36 -6.22 -3.19 -2.22
CA VAL A 36 -5.73 -2.58 -3.45
C VAL A 36 -4.22 -2.40 -3.40
N ILE A 37 -3.66 -2.18 -2.21
CA ILE A 37 -2.22 -1.90 -2.10
C ILE A 37 -1.38 -3.11 -2.51
N PRO A 38 -1.60 -4.33 -1.96
CA PRO A 38 -0.83 -5.49 -2.42
C PRO A 38 -1.01 -5.77 -3.90
N MET A 39 -2.18 -5.44 -4.44
CA MET A 39 -2.41 -5.64 -5.86
CA MET A 39 -2.44 -5.61 -5.87
C MET A 39 -1.56 -4.64 -6.67
N PHE A 40 -1.51 -3.37 -6.26
CA PHE A 40 -0.62 -2.40 -6.89
C PHE A 40 0.83 -2.89 -6.86
N SER A 41 1.27 -3.30 -5.68
CA SER A 41 2.63 -3.75 -5.51
C SER A 41 2.95 -4.89 -6.47
N ALA A 42 2.03 -5.85 -6.57
CA ALA A 42 2.27 -7.01 -7.42
C ALA A 42 2.26 -6.67 -8.91
N LEU A 43 1.33 -5.80 -9.31
CA LEU A 43 1.20 -5.43 -10.70
C LEU A 43 2.35 -4.52 -11.13
N SER A 44 3.08 -3.92 -10.19
CA SER A 44 4.20 -3.04 -10.49
C SER A 44 5.56 -3.71 -10.24
N CYS A 45 5.57 -5.02 -10.21
CA CYS A 45 6.81 -5.77 -10.12
C CYS A 45 7.75 -5.39 -11.28
N GLY A 46 8.94 -4.93 -10.91
CA GLY A 46 9.97 -4.55 -11.87
C GLY A 46 9.72 -3.19 -12.51
N ALA A 47 8.71 -2.44 -12.05
CA ALA A 47 8.36 -1.20 -12.72
C ALA A 47 9.47 -0.13 -12.63
N THR A 48 9.67 0.59 -13.74
CA THR A 48 10.39 1.84 -13.75
C THR A 48 9.51 2.94 -13.15
N PRO A 49 10.09 4.11 -12.84
CA PRO A 49 9.26 5.27 -12.48
C PRO A 49 8.26 5.58 -13.58
N GLN A 50 8.67 5.52 -14.84
CA GLN A 50 7.76 5.78 -15.95
C GLN A 50 6.56 4.85 -15.88
N ASP A 51 6.80 3.58 -15.61
CA ASP A 51 5.71 2.60 -15.49
C ASP A 51 4.78 2.94 -14.33
N LEU A 52 5.37 3.31 -13.20
CA LEU A 52 4.55 3.65 -12.04
C LEU A 52 3.66 4.83 -12.37
N ASN A 53 4.22 5.87 -13.01
CA ASN A 53 3.40 7.02 -13.43
C ASN A 53 2.31 6.60 -14.39
N THR A 54 2.62 5.71 -15.32
CA THR A 54 1.62 5.17 -16.24
C THR A 54 0.45 4.59 -15.45
N MET A 55 0.75 3.73 -14.50
CA MET A 55 -0.26 3.09 -13.68
C MET A 55 -1.13 4.12 -12.97
N LEU A 56 -0.51 5.07 -12.29
CA LEU A 56 -1.25 6.09 -11.59
C LEU A 56 -2.08 6.95 -12.54
N ASN A 57 -1.52 7.28 -13.72
CA ASN A 57 -2.18 8.17 -14.65
C ASN A 57 -3.38 7.51 -15.33
N THR A 58 -3.46 6.18 -15.33
CA THR A 58 -4.53 5.48 -15.99
C THR A 58 -5.78 5.52 -15.14
N VAL A 59 -5.65 5.92 -13.87
CA VAL A 59 -6.79 6.09 -12.98
C VAL A 59 -7.56 7.34 -13.39
N GLY A 60 -8.84 7.13 -13.75
CA GLY A 60 -9.69 8.22 -14.19
C GLY A 60 -10.41 8.95 -13.06
N GLY A 61 -10.89 8.21 -12.09
CA GLY A 61 -11.62 8.89 -11.02
C GLY A 61 -10.70 9.19 -9.84
N HIS A 62 -11.28 9.27 -8.66
CA HIS A 62 -10.52 9.34 -7.42
C HIS A 62 -9.46 10.43 -7.47
N GLN A 63 -9.77 11.58 -8.07
CA GLN A 63 -8.76 12.59 -8.25
C GLN A 63 -8.40 13.29 -6.94
N ALA A 64 -9.28 13.30 -5.91
CA ALA A 64 -8.86 13.84 -4.61
C ALA A 64 -7.72 12.99 -4.06
N ALA A 65 -7.93 11.66 -4.10
CA ALA A 65 -6.90 10.75 -3.67
C ALA A 65 -5.62 10.92 -4.49
N MET A 66 -5.74 11.08 -5.81
CA MET A 66 -4.53 11.18 -6.63
CA MET A 66 -4.54 11.20 -6.65
C MET A 66 -3.79 12.48 -6.32
N GLN A 67 -4.48 13.56 -5.95
CA GLN A 67 -3.79 14.77 -5.55
C GLN A 67 -3.12 14.60 -4.17
N MET A 68 -3.76 13.91 -3.22
CA MET A 68 -3.09 13.61 -1.96
CA MET A 68 -3.12 13.55 -1.96
C MET A 68 -1.82 12.78 -2.22
N LEU A 69 -1.90 11.84 -3.15
CA LEU A 69 -0.76 11.00 -3.44
C LEU A 69 0.39 11.86 -3.99
N LYS A 70 0.10 12.80 -4.87
CA LYS A 70 1.11 13.72 -5.36
C LYS A 70 1.79 14.49 -4.23
N GLU A 71 0.98 14.96 -3.27
CA GLU A 71 1.50 15.69 -2.13
C GLU A 71 2.48 14.81 -1.33
N THR A 72 2.09 13.56 -1.10
CA THR A 72 2.94 12.61 -0.40
C THR A 72 4.25 12.43 -1.17
N ILE A 73 4.15 12.23 -2.46
CA ILE A 73 5.33 12.04 -3.29
C ILE A 73 6.23 13.26 -3.16
N ASN A 74 5.66 14.48 -3.27
CA ASN A 74 6.47 15.69 -3.20
C ASN A 74 7.22 15.76 -1.86
N GLU A 75 6.57 15.35 -0.77
CA GLU A 75 7.21 15.38 0.54
C GLU A 75 8.39 14.39 0.57
N GLU A 76 8.19 13.18 0.05
CA GLU A 76 9.23 12.17 0.09
C GLU A 76 10.38 12.61 -0.81
N ALA A 77 10.06 13.18 -1.97
CA ALA A 77 11.09 13.65 -2.89
C ALA A 77 11.92 14.75 -2.24
N ALA A 78 11.28 15.63 -1.49
CA ALA A 78 12.00 16.70 -0.80
C ALA A 78 12.94 16.16 0.27
N GLU A 79 12.48 15.12 0.99
CA GLU A 79 13.29 14.47 1.99
C GLU A 79 14.47 13.77 1.34
N TRP A 80 14.23 13.08 0.22
CA TRP A 80 15.31 12.49 -0.54
C TRP A 80 16.39 13.53 -0.83
N ASP A 81 15.97 14.68 -1.31
CA ASP A 81 16.91 15.72 -1.69
C ASP A 81 17.68 16.25 -0.48
N ARG A 82 17.07 16.24 0.71
CA ARG A 82 17.80 16.70 1.89
CA ARG A 82 17.78 16.71 1.90
C ARG A 82 18.86 15.69 2.29
N LEU A 83 18.56 14.40 2.11
CA LEU A 83 19.45 13.33 2.54
C LEU A 83 20.54 13.10 1.50
N HIS A 84 20.26 13.38 0.21
CA HIS A 84 21.15 13.01 -0.89
C HIS A 84 21.27 14.17 -1.86
N PRO A 85 21.85 15.30 -1.43
CA PRO A 85 22.06 16.42 -2.36
C PRO A 85 23.01 16.00 -3.47
N VAL A 86 22.77 16.51 -4.67
CA VAL A 86 23.62 16.20 -5.82
C VAL A 86 24.55 17.38 -6.13
N HIS A 87 25.75 17.10 -6.66
CA HIS A 87 26.62 18.16 -7.14
C HIS A 87 25.98 18.78 -8.38
N ALA A 88 25.98 20.11 -8.48
CA ALA A 88 25.48 20.77 -9.67
C ALA A 88 26.60 20.83 -10.71
N GLY A 89 26.31 21.49 -11.84
CA GLY A 89 27.31 21.69 -12.87
C GLY A 89 27.36 20.49 -13.79
N PRO A 90 27.95 20.63 -15.00
CA PRO A 90 27.73 19.66 -16.09
C PRO A 90 28.25 18.27 -15.78
N ILE A 91 27.50 17.27 -16.24
CA ILE A 91 27.82 15.88 -15.99
C ILE A 91 29.02 15.52 -16.83
N ALA A 92 29.87 14.71 -16.24
CA ALA A 92 30.96 14.07 -16.96
C ALA A 92 30.42 13.37 -18.20
N PRO A 93 30.97 13.61 -19.42
CA PRO A 93 30.46 12.99 -20.64
C PRO A 93 30.36 11.47 -20.56
N GLY A 94 29.17 10.95 -20.87
CA GLY A 94 28.95 9.52 -20.97
C GLY A 94 28.66 8.85 -19.64
N GLN A 95 28.67 9.61 -18.52
CA GLN A 95 28.63 9.00 -17.20
C GLN A 95 27.24 9.11 -16.59
N MET A 96 26.90 8.15 -15.71
CA MET A 96 25.64 8.18 -14.99
C MET A 96 25.59 9.38 -14.03
N ARG A 97 24.49 10.11 -14.02
CA ARG A 97 24.33 11.23 -13.11
C ARG A 97 23.58 10.75 -11.86
N GLU A 98 23.59 11.55 -10.81
CA GLU A 98 22.95 11.15 -9.56
C GLU A 98 21.47 11.55 -9.58
N PRO A 99 20.53 10.67 -9.19
CA PRO A 99 19.12 11.05 -9.23
C PRO A 99 18.72 11.98 -8.08
N ARG A 100 17.92 12.98 -8.42
CA ARG A 100 17.23 13.80 -7.45
C ARG A 100 15.85 13.19 -7.22
N GLY A 101 15.10 13.79 -6.28
CA GLY A 101 13.79 13.28 -5.95
C GLY A 101 12.85 13.27 -7.17
N SER A 102 12.89 14.35 -7.96
CA SER A 102 12.09 14.49 -9.15
C SER A 102 12.48 13.46 -10.21
N ASP A 103 13.75 13.02 -10.21
CA ASP A 103 14.19 11.99 -11.11
C ASP A 103 13.65 10.62 -10.70
N ILE A 104 13.59 10.35 -9.40
CA ILE A 104 13.02 9.11 -8.86
C ILE A 104 11.52 9.04 -9.19
N ALA A 105 10.84 10.18 -9.07
CA ALA A 105 9.42 10.23 -9.36
C ALA A 105 9.13 10.27 -10.85
N GLY A 106 10.16 10.31 -11.69
CA GLY A 106 9.98 10.24 -13.12
C GLY A 106 9.56 11.53 -13.79
N THR A 107 9.59 12.67 -13.09
CA THR A 107 9.17 13.94 -13.69
C THR A 107 10.30 14.62 -14.45
N THR A 108 11.55 14.38 -14.04
CA THR A 108 12.70 15.06 -14.65
C THR A 108 13.73 14.09 -15.19
N SER A 109 13.41 12.81 -15.21
CA SER A 109 14.32 11.79 -15.76
C SER A 109 13.71 11.13 -16.99
N THR A 110 14.56 10.66 -17.90
CA THR A 110 14.15 9.87 -19.06
C THR A 110 14.08 8.39 -18.69
N LEU A 111 13.41 7.61 -19.55
CA LEU A 111 13.36 6.18 -19.41
C LEU A 111 14.78 5.63 -19.46
N GLN A 112 15.59 6.14 -20.40
CA GLN A 112 16.95 5.64 -20.52
C GLN A 112 17.73 5.84 -19.20
N GLU A 113 17.57 7.02 -18.58
CA GLU A 113 18.22 7.26 -17.29
C GLU A 113 17.74 6.28 -16.22
N GLN A 114 16.42 6.09 -16.16
CA GLN A 114 15.85 5.19 -15.18
C GLN A 114 16.39 3.77 -15.36
N ILE A 115 16.43 3.30 -16.61
CA ILE A 115 17.00 1.98 -16.89
C ILE A 115 18.45 1.90 -16.43
N GLY A 116 19.21 2.94 -16.73
CA GLY A 116 20.62 2.99 -16.34
C GLY A 116 20.82 2.88 -14.83
N TRP A 117 19.99 3.62 -14.04
CA TRP A 117 20.08 3.55 -12.60
C TRP A 117 19.72 2.15 -12.09
N MET A 118 18.61 1.60 -12.59
CA MET A 118 18.07 0.37 -12.07
C MET A 118 18.94 -0.84 -12.41
N THR A 119 19.76 -0.74 -13.47
CA THR A 119 20.56 -1.87 -13.94
C THR A 119 22.05 -1.64 -13.71
N HIS A 120 22.41 -0.54 -13.07
CA HIS A 120 23.79 -0.27 -12.67
C HIS A 120 24.28 -1.34 -11.71
N ASN A 121 25.60 -1.55 -11.70
CA ASN A 121 26.24 -2.40 -10.72
C ASN A 121 27.15 -1.54 -9.87
N PRO A 122 26.76 -1.15 -8.64
CA PRO A 122 25.50 -1.54 -8.01
C PRO A 122 24.35 -0.63 -8.45
N PRO A 123 23.11 -1.11 -8.39
CA PRO A 123 21.95 -0.31 -8.84
C PRO A 123 21.55 0.79 -7.89
N ILE A 124 20.96 1.82 -8.47
CA ILE A 124 20.24 2.82 -7.71
C ILE A 124 18.77 2.52 -8.02
N PRO A 125 18.07 1.82 -7.09
CA PRO A 125 16.79 1.19 -7.42
C PRO A 125 15.64 2.19 -7.42
N VAL A 126 15.64 3.04 -8.42
CA VAL A 126 14.72 4.17 -8.42
C VAL A 126 13.27 3.70 -8.52
N GLY A 127 13.02 2.56 -9.17
CA GLY A 127 11.68 2.03 -9.21
C GLY A 127 11.18 1.65 -7.83
N GLU A 128 12.02 0.95 -7.09
CA GLU A 128 11.63 0.50 -5.76
C GLU A 128 11.52 1.67 -4.79
N ILE A 129 12.38 2.69 -4.93
CA ILE A 129 12.32 3.85 -4.05
C ILE A 129 11.01 4.60 -4.28
N TYR A 130 10.70 4.83 -5.55
CA TYR A 130 9.45 5.52 -5.87
C TYR A 130 8.24 4.73 -5.44
N LYS A 131 8.28 3.42 -5.64
CA LYS A 131 7.16 2.58 -5.27
C LYS A 131 6.90 2.69 -3.77
N ARG A 132 7.96 2.75 -2.97
CA ARG A 132 7.80 2.96 -1.54
C ARG A 132 7.06 4.27 -1.23
N TRP A 133 7.42 5.36 -1.90
CA TRP A 133 6.73 6.63 -1.69
C TRP A 133 5.26 6.50 -2.05
N ILE A 134 5.00 5.82 -3.18
CA ILE A 134 3.62 5.68 -3.63
C ILE A 134 2.84 4.89 -2.61
N ILE A 135 3.38 3.77 -2.15
CA ILE A 135 2.70 2.94 -1.17
C ILE A 135 2.45 3.68 0.13
N LEU A 136 3.40 4.50 0.57
CA LEU A 136 3.17 5.36 1.72
C LEU A 136 1.93 6.22 1.49
N GLY A 137 1.85 6.84 0.32
CA GLY A 137 0.71 7.68 0.00
C GLY A 137 -0.59 6.91 -0.08
N LEU A 138 -0.54 5.73 -0.70
CA LEU A 138 -1.71 4.89 -0.81
C LEU A 138 -2.23 4.47 0.56
N ASN A 139 -1.34 4.16 1.48
CA ASN A 139 -1.76 3.74 2.81
C ASN A 139 -2.47 4.88 3.53
N LYS A 140 -2.02 6.12 3.30
CA LYS A 140 -2.66 7.28 3.90
CA LYS A 140 -2.66 7.28 3.90
C LYS A 140 -4.08 7.39 3.35
N ILE A 141 -4.24 7.15 2.05
CA ILE A 141 -5.55 7.25 1.41
C ILE A 141 -6.48 6.15 1.91
N VAL A 142 -5.98 4.93 2.03
CA VAL A 142 -6.76 3.84 2.59
C VAL A 142 -7.31 4.23 3.97
N ARG A 143 -6.46 4.81 4.83
CA ARG A 143 -6.88 5.22 6.16
CA ARG A 143 -6.90 5.19 6.16
C ARG A 143 -7.95 6.30 6.08
N MET A 144 -7.74 7.25 5.19
CA MET A 144 -8.67 8.34 5.00
C MET A 144 -10.06 7.83 4.59
N TYR A 145 -10.07 6.89 3.64
CA TYR A 145 -11.33 6.50 3.07
CA TYR A 145 -11.25 6.36 2.93
C TYR A 145 -12.00 5.41 3.88
N SER A 146 -11.35 4.92 4.93
CA SER A 146 -11.94 3.99 5.84
C SER A 146 -13.11 4.67 6.53
N PRO A 147 -14.33 4.14 6.40
CA PRO A 147 -15.48 4.91 6.84
C PRO A 147 -15.85 4.79 8.30
N THR A 148 -15.34 3.78 9.00
CA THR A 148 -15.86 3.41 10.29
C THR A 148 -14.72 3.19 11.28
N SER A 149 -14.86 3.74 12.46
CA SER A 149 -13.97 3.50 13.58
C SER A 149 -14.14 2.04 14.05
N ILE A 150 -13.05 1.44 14.51
CA ILE A 150 -13.14 0.17 15.20
C ILE A 150 -14.05 0.24 16.43
N LEU A 151 -14.15 1.42 17.04
CA LEU A 151 -14.99 1.60 18.20
C LEU A 151 -16.46 1.34 17.86
N ASP A 152 -16.80 1.50 16.58
CA ASP A 152 -18.18 1.37 16.14
C ASP A 152 -18.50 0.01 15.53
N ILE A 153 -17.55 -0.93 15.57
CA ILE A 153 -17.80 -2.27 15.12
C ILE A 153 -18.18 -3.11 16.33
N ARG A 154 -19.47 -3.38 16.47
CA ARG A 154 -20.01 -4.10 17.61
CA ARG A 154 -20.00 -4.10 17.61
C ARG A 154 -20.94 -5.18 17.06
N GLN A 155 -20.92 -6.33 17.70
CA GLN A 155 -21.67 -7.47 17.23
C GLN A 155 -23.15 -7.23 17.48
N GLY A 156 -23.92 -7.41 16.41
CA GLY A 156 -25.37 -7.31 16.56
C GLY A 156 -25.92 -8.48 17.38
N PRO A 157 -27.10 -8.30 18.01
CA PRO A 157 -27.72 -9.36 18.79
C PRO A 157 -28.09 -10.62 17.99
N LYS A 158 -28.30 -10.48 16.69
CA LYS A 158 -28.63 -11.58 15.80
C LYS A 158 -27.50 -11.82 14.79
N GLU A 159 -26.33 -11.25 15.02
CA GLU A 159 -25.22 -11.34 14.08
C GLU A 159 -24.35 -12.53 14.48
N PRO A 160 -24.10 -13.47 13.56
CA PRO A 160 -23.13 -14.54 13.85
C PRO A 160 -21.77 -13.95 14.24
N PHE A 161 -21.14 -14.60 15.20
CA PHE A 161 -19.85 -14.10 15.67
C PHE A 161 -18.86 -13.99 14.50
N ARG A 162 -18.82 -14.98 13.61
CA ARG A 162 -17.86 -14.93 12.50
C ARG A 162 -18.05 -13.69 11.64
N ASP A 163 -19.33 -13.30 11.43
CA ASP A 163 -19.64 -12.13 10.63
C ASP A 163 -19.09 -10.86 11.30
N TYR A 164 -19.28 -10.80 12.61
CA TYR A 164 -18.75 -9.70 13.41
C TYR A 164 -17.22 -9.64 13.30
N VAL A 165 -16.57 -10.78 13.49
CA VAL A 165 -15.11 -10.80 13.48
C VAL A 165 -14.60 -10.39 12.09
N ASP A 166 -15.30 -10.82 11.03
CA ASP A 166 -14.96 -10.36 9.70
C ASP A 166 -14.98 -8.84 9.59
N ARG A 167 -16.06 -8.22 10.11
CA ARG A 167 -16.17 -6.77 10.06
C ARG A 167 -15.05 -6.10 10.89
N PHE A 168 -14.81 -6.68 12.07
CA PHE A 168 -13.83 -6.13 12.99
C PHE A 168 -12.43 -6.08 12.34
N TYR A 169 -11.96 -7.21 11.83
CA TYR A 169 -10.61 -7.20 11.32
C TYR A 169 -10.50 -6.50 9.97
N LYS A 170 -11.57 -6.48 9.16
CA LYS A 170 -11.55 -5.66 7.94
C LYS A 170 -11.41 -4.17 8.30
N THR A 171 -12.11 -3.73 9.36
CA THR A 171 -12.03 -2.34 9.80
C THR A 171 -10.62 -2.05 10.37
N LEU A 172 -10.07 -2.95 11.20
CA LEU A 172 -8.75 -2.72 11.76
C LEU A 172 -7.74 -2.59 10.62
N ARG A 173 -7.90 -3.42 9.57
CA ARG A 173 -6.94 -3.37 8.48
C ARG A 173 -6.93 -1.99 7.82
N ALA A 174 -8.11 -1.44 7.57
CA ALA A 174 -8.22 -0.15 6.89
C ALA A 174 -7.72 0.97 7.78
N GLU A 175 -8.04 0.87 9.07
CA GLU A 175 -7.72 1.90 10.04
C GLU A 175 -6.21 1.91 10.24
N GLN A 176 -5.60 0.80 9.85
CA GLN A 176 -4.18 0.52 9.89
C GLN A 176 -3.63 0.53 11.30
N ALA A 177 -4.28 -0.32 12.10
CA ALA A 177 -3.88 -0.54 13.47
C ALA A 177 -2.40 -0.93 13.55
N SER A 178 -1.70 -0.42 14.59
CA SER A 178 -0.34 -0.84 14.89
C SER A 178 -0.34 -2.31 15.32
N GLN A 179 0.82 -2.95 15.25
CA GLN A 179 0.93 -4.39 15.43
C GLN A 179 0.35 -4.83 16.78
N GLU A 180 0.54 -4.03 17.83
CA GLU A 180 0.04 -4.41 19.15
C GLU A 180 -1.46 -4.69 19.09
N VAL A 181 -2.22 -3.77 18.45
CA VAL A 181 -3.67 -3.87 18.41
C VAL A 181 -4.11 -5.05 17.54
N LYS A 182 -3.56 -5.13 16.33
CA LYS A 182 -3.80 -6.27 15.45
C LYS A 182 -3.61 -7.57 16.23
N ASN A 183 -2.44 -7.70 16.89
CA ASN A 183 -2.09 -8.87 17.68
C ASN A 183 -3.05 -9.08 18.86
N ALA A 184 -3.28 -8.02 19.65
CA ALA A 184 -3.91 -8.14 20.96
C ALA A 184 -5.38 -7.73 20.98
N ALA A 185 -5.90 -7.19 19.86
CA ALA A 185 -7.26 -6.65 19.86
C ALA A 185 -8.20 -7.77 20.27
N THR A 186 -7.74 -8.99 20.00
CA THR A 186 -8.40 -10.25 20.31
C THR A 186 -8.69 -10.29 21.81
N GLU A 187 -7.68 -9.91 22.62
CA GLU A 187 -7.78 -9.96 24.08
C GLU A 187 -8.63 -8.81 24.64
N THR A 188 -8.93 -7.77 23.84
CA THR A 188 -9.43 -6.53 24.39
C THR A 188 -10.77 -6.17 23.75
N LEU A 189 -10.63 -5.38 22.70
CA LEU A 189 -11.77 -4.76 22.08
C LEU A 189 -12.65 -5.80 21.42
N LEU A 190 -12.08 -6.87 20.84
CA LEU A 190 -12.93 -7.85 20.17
C LEU A 190 -13.95 -8.43 21.16
N VAL A 191 -13.53 -8.70 22.39
CA VAL A 191 -14.43 -9.23 23.41
C VAL A 191 -15.39 -8.13 23.87
N GLN A 192 -14.85 -6.92 24.12
CA GLN A 192 -15.69 -5.84 24.62
C GLN A 192 -16.84 -5.51 23.66
N ASN A 193 -16.57 -5.62 22.37
CA ASN A 193 -17.53 -5.21 21.34
C ASN A 193 -18.46 -6.37 20.92
N ALA A 194 -18.30 -7.57 21.50
CA ALA A 194 -19.16 -8.70 21.24
C ALA A 194 -20.50 -8.46 21.92
N ASN A 195 -21.52 -9.18 21.45
CA ASN A 195 -22.85 -9.03 22.03
C ASN A 195 -22.86 -9.66 23.42
N PRO A 196 -23.88 -9.38 24.26
CA PRO A 196 -23.81 -9.85 25.64
C PRO A 196 -23.63 -11.35 25.82
N ASP A 197 -24.32 -12.15 24.99
CA ASP A 197 -24.26 -13.58 25.14
C ASP A 197 -22.87 -14.09 24.77
N CYS A 198 -22.31 -13.62 23.66
CA CYS A 198 -20.99 -14.10 23.29
CA CYS A 198 -20.98 -14.06 23.27
C CYS A 198 -19.94 -13.57 24.27
N LYS A 199 -20.09 -12.34 24.70
CA LYS A 199 -19.17 -11.76 25.68
C LYS A 199 -19.11 -12.62 26.92
N THR A 200 -20.26 -13.07 27.44
CA THR A 200 -20.28 -13.91 28.61
C THR A 200 -19.43 -15.16 28.40
N ILE A 201 -19.58 -15.82 27.25
CA ILE A 201 -18.84 -17.03 26.92
C ILE A 201 -17.36 -16.70 26.81
N LEU A 202 -17.02 -15.60 26.16
CA LEU A 202 -15.61 -15.32 25.91
C LEU A 202 -14.89 -15.03 27.21
N LYS A 203 -15.58 -14.30 28.10
CA LYS A 203 -15.03 -13.96 29.40
C LYS A 203 -14.66 -15.24 30.16
N ALA A 204 -15.52 -16.26 30.05
CA ALA A 204 -15.31 -17.51 30.77
C ALA A 204 -14.18 -18.35 30.18
N LEU A 205 -13.76 -18.09 28.94
CA LEU A 205 -12.64 -18.80 28.35
C LEU A 205 -11.33 -18.48 29.07
N GLY A 206 -11.26 -17.29 29.67
CA GLY A 206 -10.04 -16.83 30.29
C GLY A 206 -9.00 -16.45 29.25
N PRO A 207 -7.81 -16.05 29.73
CA PRO A 207 -6.86 -15.29 28.91
C PRO A 207 -6.13 -16.23 27.96
N GLY A 208 -5.67 -15.68 26.83
CA GLY A 208 -4.79 -16.39 25.93
C GLY A 208 -5.54 -17.24 24.93
N ALA A 209 -6.88 -17.15 24.89
CA ALA A 209 -7.62 -17.93 23.90
C ALA A 209 -7.23 -17.56 22.47
N THR A 210 -7.09 -18.56 21.59
CA THR A 210 -6.90 -18.29 20.17
C THR A 210 -8.22 -17.81 19.57
N LEU A 211 -8.11 -17.17 18.42
CA LEU A 211 -9.31 -16.74 17.70
C LEU A 211 -10.14 -17.94 17.31
N GLU A 212 -9.49 -19.05 16.92
CA GLU A 212 -10.18 -20.31 16.61
C GLU A 212 -11.03 -20.76 17.79
N GLU A 213 -10.45 -20.70 18.99
CA GLU A 213 -11.16 -21.09 20.20
C GLU A 213 -12.35 -20.17 20.46
N MET A 214 -12.15 -18.86 20.30
CA MET A 214 -13.23 -17.90 20.49
C MET A 214 -14.38 -18.15 19.52
N MET A 215 -14.04 -18.35 18.25
CA MET A 215 -15.03 -18.53 17.22
C MET A 215 -15.81 -19.82 17.46
N THR A 216 -15.11 -20.87 17.90
CA THR A 216 -15.79 -22.11 18.26
C THR A 216 -16.74 -21.88 19.43
N ALA A 217 -16.28 -21.15 20.44
CA ALA A 217 -17.05 -20.94 21.65
C ALA A 217 -18.35 -20.19 21.38
N CYS A 218 -18.31 -19.27 20.41
CA CYS A 218 -19.45 -18.42 20.09
C CYS A 218 -20.22 -18.87 18.85
N GLN A 219 -19.96 -20.08 18.38
CA GLN A 219 -20.74 -20.67 17.30
C GLN A 219 -22.08 -21.18 17.88
#